data_9F7X
#
_entry.id   9F7X
#
_cell.length_a   40.358
_cell.length_b   54.615
_cell.length_c   66.722
_cell.angle_alpha   90.000
_cell.angle_beta   93.600
_cell.angle_gamma   90.000
#
_symmetry.space_group_name_H-M   'P 1 21 1'
#
loop_
_entity.id
_entity.type
_entity.pdbx_description
1 polymer 'Peroxisome proliferator-activated receptor gamma'
2 polymer 'Peroxisome proliferator-activated receptor gamma coactivator 1-alpha'
3 non-polymer bisphenol-B
4 water water
#
loop_
_entity_poly.entity_id
_entity_poly.type
_entity_poly.pdbx_seq_one_letter_code
_entity_poly.pdbx_strand_id
1 'polypeptide(L)'
;MRGSHHHHHHGPESADLRALAKHLYDSYIKSFPLTKAKARAILTGKTTDKSPFVIYDMNSLMMGEDKIKFKHITPLQEQS
KEVAIRIFQGCQFRSVEAVQEITEYAKSIPGFVNLDLNDQVTLLKYGVHEIIYTMLASLMNKDGVLISEGQGFMTREFLK
SLRKPFGDFMEPKFEFAVKFNALELDDSDLAIFIAVIILSGDRPGLLNVKPIEDIQDNLLQALELQLKLNHPESSQLFAK
LLQKMTDLRQIVTEHVQLLQVIKKTETDMSLHPLLQEIYKDLY
;
A
2 'polypeptide(L)' QEAEEPSLLKKLLLAPANT B
#
loop_
_chem_comp.id
_chem_comp.type
_chem_comp.name
_chem_comp.formula
H3W non-polymer bisphenol-B 'C16 H18 O2'
#
# COMPACT_ATOMS: atom_id res chain seq x y z
N PRO A 12 -14.91 15.54 -24.93
CA PRO A 12 -14.15 16.78 -24.72
C PRO A 12 -13.35 16.72 -23.42
N GLU A 13 -13.95 17.15 -22.32
CA GLU A 13 -13.28 17.08 -21.01
C GLU A 13 -13.42 15.70 -20.40
N SER A 14 -14.59 15.07 -20.55
CA SER A 14 -14.77 13.74 -20.00
C SER A 14 -13.95 12.71 -20.76
N ALA A 15 -13.95 12.77 -22.09
CA ALA A 15 -13.11 11.86 -22.87
C ALA A 15 -11.66 11.94 -22.41
N ASP A 16 -11.19 13.14 -22.03
CA ASP A 16 -9.85 13.25 -21.47
C ASP A 16 -9.77 12.62 -20.08
N LEU A 17 -10.81 12.78 -19.27
CA LEU A 17 -10.82 12.16 -17.94
C LEU A 17 -10.81 10.64 -18.04
N ARG A 18 -11.35 10.08 -19.13
CA ARG A 18 -11.30 8.64 -19.34
C ARG A 18 -9.94 8.21 -19.87
N ALA A 19 -9.35 8.99 -20.77
CA ALA A 19 -8.01 8.69 -21.23
C ALA A 19 -7.02 8.69 -20.06
N LEU A 20 -7.12 9.69 -19.19
CA LEU A 20 -6.27 9.74 -18.01
C LEU A 20 -6.46 8.48 -17.17
N ALA A 21 -7.72 8.14 -16.85
CA ALA A 21 -7.98 6.98 -16.02
C ALA A 21 -7.34 5.73 -16.60
N LYS A 22 -7.33 5.60 -17.93
CA LYS A 22 -6.74 4.43 -18.58
C LYS A 22 -5.22 4.49 -18.57
N HIS A 23 -4.65 5.69 -18.66
CA HIS A 23 -3.20 5.81 -18.52
C HIS A 23 -2.78 5.40 -17.11
N LEU A 24 -3.45 5.93 -16.10
CA LEU A 24 -3.14 5.57 -14.72
C LEU A 24 -3.26 4.07 -14.50
N TYR A 25 -4.27 3.44 -15.11
CA TYR A 25 -4.40 2.00 -14.98
C TYR A 25 -3.26 1.27 -15.68
N ASP A 26 -2.91 1.69 -16.90
CA ASP A 26 -1.83 1.02 -17.61
C ASP A 26 -0.52 1.09 -16.83
N SER A 27 -0.21 2.27 -16.27
CA SER A 27 1.00 2.40 -15.46
CA SER A 27 1.00 2.40 -15.46
C SER A 27 0.86 1.64 -14.14
N TYR A 28 -0.36 1.54 -13.61
CA TYR A 28 -0.59 0.77 -12.39
C TYR A 28 -0.21 -0.69 -12.60
N ILE A 29 -0.67 -1.27 -13.72
CA ILE A 29 -0.37 -2.66 -14.01
C ILE A 29 1.11 -2.88 -14.30
N LYS A 30 1.84 -1.82 -14.66
CA LYS A 30 3.29 -1.93 -14.85
C LYS A 30 4.04 -1.88 -13.53
N SER A 31 3.63 -0.98 -12.63
CA SER A 31 4.35 -0.78 -11.39
C SER A 31 4.09 -1.89 -10.39
N PHE A 32 2.91 -2.49 -10.41
CA PHE A 32 2.47 -3.43 -9.37
C PHE A 32 2.20 -4.80 -9.97
N PRO A 33 3.13 -5.76 -9.84
CA PRO A 33 2.88 -7.08 -10.46
C PRO A 33 1.62 -7.77 -9.99
N LEU A 34 1.40 -7.85 -8.67
CA LEU A 34 0.24 -8.58 -8.13
C LEU A 34 -0.94 -7.63 -8.05
N THR A 35 -1.80 -7.67 -9.08
CA THR A 35 -2.99 -6.84 -9.12
C THR A 35 -4.03 -7.36 -8.14
N LYS A 36 -5.05 -6.55 -7.89
CA LYS A 36 -6.15 -7.01 -7.05
C LYS A 36 -6.92 -8.14 -7.72
N ALA A 37 -7.09 -8.06 -9.05
CA ALA A 37 -7.81 -9.10 -9.78
C ALA A 37 -7.18 -10.47 -9.57
N LYS A 38 -5.84 -10.54 -9.68
CA LYS A 38 -5.14 -11.79 -9.45
C LYS A 38 -5.24 -12.23 -8.00
N ALA A 39 -5.10 -11.27 -7.07
CA ALA A 39 -5.13 -11.61 -5.66
C ALA A 39 -6.48 -12.21 -5.25
N ARG A 40 -7.58 -11.61 -5.72
CA ARG A 40 -8.88 -12.17 -5.42
C ARG A 40 -9.06 -13.53 -6.08
N ALA A 41 -8.48 -13.72 -7.27
CA ALA A 41 -8.54 -15.02 -7.93
C ALA A 41 -7.91 -16.11 -7.06
N ILE A 42 -6.87 -15.77 -6.31
CA ILE A 42 -6.20 -16.74 -5.44
C ILE A 42 -6.98 -16.93 -4.15
N LEU A 43 -7.43 -15.83 -3.54
CA LEU A 43 -8.13 -15.93 -2.25
C LEU A 43 -9.42 -16.72 -2.38
N THR A 44 -10.17 -16.49 -3.46
CA THR A 44 -11.44 -17.18 -3.66
C THR A 44 -11.27 -18.58 -4.23
N GLY A 45 -10.08 -18.92 -4.70
CA GLY A 45 -9.88 -20.20 -5.34
C GLY A 45 -10.46 -20.23 -6.73
N LYS A 46 -9.82 -19.49 -7.64
CA LYS A 46 -10.29 -19.42 -9.02
C LYS A 46 -9.15 -19.53 -10.03
N THR A 47 -7.93 -19.79 -9.57
CA THR A 47 -6.77 -19.89 -10.44
C THR A 47 -6.47 -21.35 -10.73
N THR A 48 -6.11 -21.64 -11.97
CA THR A 48 -5.61 -22.96 -12.34
C THR A 48 -4.10 -23.05 -12.20
N ASP A 49 -3.44 -21.96 -11.82
CA ASP A 49 -1.99 -21.93 -11.66
C ASP A 49 -1.62 -22.04 -10.18
N LYS A 50 -1.78 -23.25 -9.66
CA LYS A 50 -1.28 -23.58 -8.32
C LYS A 50 -2.11 -22.91 -7.22
N SER A 51 -1.65 -23.04 -5.98
CA SER A 51 -2.37 -22.55 -4.81
C SER A 51 -1.36 -22.18 -3.74
N PRO A 52 -1.80 -21.49 -2.68
CA PRO A 52 -0.86 -20.98 -1.69
C PRO A 52 -0.58 -21.94 -0.55
N PHE A 53 0.51 -21.66 0.16
CA PHE A 53 0.90 -22.38 1.35
C PHE A 53 0.47 -21.58 2.58
N VAL A 54 -0.29 -22.20 3.46
CA VAL A 54 -0.88 -21.49 4.59
C VAL A 54 0.07 -21.53 5.77
N ILE A 55 0.22 -20.39 6.43
CA ILE A 55 1.04 -20.27 7.64
C ILE A 55 0.08 -19.90 8.76
N TYR A 56 -0.33 -20.89 9.56
CA TYR A 56 -1.29 -20.68 10.62
C TYR A 56 -0.73 -20.92 12.01
N ASP A 57 0.48 -21.45 12.14
CA ASP A 57 1.08 -21.69 13.45
C ASP A 57 2.59 -21.70 13.28
N MET A 58 3.29 -21.91 14.39
CA MET A 58 4.75 -21.88 14.36
C MET A 58 5.33 -23.02 13.53
N ASN A 59 4.66 -24.18 13.52
CA ASN A 59 5.17 -25.32 12.78
C ASN A 59 5.03 -25.10 11.27
N SER A 60 3.87 -24.62 10.82
CA SER A 60 3.67 -24.37 9.40
C SER A 60 4.53 -23.22 8.90
N LEU A 61 4.88 -22.28 9.79
CA LEU A 61 5.82 -21.24 9.42
C LEU A 61 7.18 -21.84 9.10
N MET A 62 7.65 -22.78 9.93
CA MET A 62 8.95 -23.39 9.70
C MET A 62 8.97 -24.15 8.38
N MET A 63 7.97 -25.01 8.15
CA MET A 63 7.91 -25.75 6.91
C MET A 63 7.86 -24.83 5.70
N GLY A 64 7.17 -23.69 5.83
CA GLY A 64 7.03 -22.76 4.74
C GLY A 64 7.84 -21.48 4.93
N GLU A 65 8.91 -21.56 5.72
CA GLU A 65 9.77 -20.39 5.93
C GLU A 65 10.63 -20.15 4.69
N ASP A 66 11.49 -21.11 4.35
CA ASP A 66 12.22 -21.03 3.09
C ASP A 66 11.25 -21.02 1.91
N LYS A 67 10.11 -21.67 2.06
CA LYS A 67 9.05 -21.51 1.07
C LYS A 67 8.48 -20.10 1.16
N ILE A 68 7.68 -19.75 0.15
CA ILE A 68 7.01 -18.46 0.06
C ILE A 68 7.86 -17.35 0.67
N LYS A 69 9.14 -17.32 0.35
CA LYS A 69 10.05 -16.32 0.86
C LYS A 69 10.28 -15.23 -0.19
N PHE A 70 10.56 -14.03 0.30
CA PHE A 70 10.74 -12.87 -0.56
C PHE A 70 11.99 -13.01 -1.43
N LEU A 76 21.90 -16.82 3.66
CA LEU A 76 21.97 -15.79 4.69
C LEU A 76 20.67 -15.72 5.48
N GLN A 77 19.82 -16.74 5.30
CA GLN A 77 18.56 -16.80 6.01
C GLN A 77 18.71 -17.15 7.49
N GLU A 78 19.93 -17.44 7.95
CA GLU A 78 20.18 -17.73 9.36
C GLU A 78 20.17 -16.41 10.12
N GLN A 79 19.01 -16.08 10.68
CA GLN A 79 18.84 -14.86 11.46
C GLN A 79 18.97 -15.09 12.96
N SER A 80 18.62 -16.30 13.44
CA SER A 80 18.68 -16.63 14.86
C SER A 80 17.87 -15.66 15.70
N LYS A 81 16.79 -15.15 15.14
CA LYS A 81 15.93 -14.17 15.78
C LYS A 81 14.61 -14.81 16.21
N GLU A 82 13.93 -14.13 17.14
CA GLU A 82 12.61 -14.57 17.56
C GLU A 82 11.64 -14.49 16.38
N VAL A 83 10.71 -15.45 16.32
CA VAL A 83 9.79 -15.52 15.20
C VAL A 83 9.09 -14.19 14.98
N ALA A 84 8.76 -13.50 16.08
CA ALA A 84 8.04 -12.24 15.95
C ALA A 84 8.86 -11.20 15.20
N ILE A 85 10.15 -11.11 15.51
CA ILE A 85 11.00 -10.12 14.85
C ILE A 85 11.26 -10.52 13.41
N ARG A 86 11.30 -11.83 13.11
CA ARG A 86 11.53 -12.27 11.74
C ARG A 86 10.33 -11.94 10.86
N ILE A 87 9.12 -12.14 11.38
CA ILE A 87 7.92 -11.72 10.65
C ILE A 87 7.95 -10.21 10.44
N PHE A 88 8.12 -9.45 11.52
CA PHE A 88 8.17 -8.00 11.41
C PHE A 88 9.21 -7.56 10.40
N GLN A 89 10.38 -8.18 10.42
CA GLN A 89 11.41 -7.83 9.45
C GLN A 89 10.99 -8.22 8.04
N GLY A 90 10.24 -9.31 7.89
CA GLY A 90 9.70 -9.63 6.57
C GLY A 90 8.78 -8.54 6.06
N CYS A 91 7.98 -7.96 6.96
CA CYS A 91 7.14 -6.82 6.59
C CYS A 91 7.97 -5.65 6.12
N GLN A 92 9.06 -5.35 6.83
CA GLN A 92 9.89 -4.20 6.47
C GLN A 92 10.31 -4.23 5.00
N PHE A 93 10.68 -5.41 4.50
CA PHE A 93 11.26 -5.50 3.17
C PHE A 93 10.24 -5.63 2.06
N ARG A 94 9.02 -6.06 2.36
CA ARG A 94 7.94 -5.89 1.39
C ARG A 94 7.54 -4.42 1.31
N SER A 95 7.62 -3.69 2.43
CA SER A 95 7.38 -2.25 2.41
C SER A 95 8.46 -1.53 1.61
N VAL A 96 9.71 -1.98 1.73
CA VAL A 96 10.80 -1.37 0.96
C VAL A 96 10.54 -1.55 -0.52
N GLU A 97 10.17 -2.76 -0.93
CA GLU A 97 9.82 -3.01 -2.32
C GLU A 97 8.64 -2.13 -2.74
N ALA A 98 7.61 -2.06 -1.90
CA ALA A 98 6.41 -1.30 -2.24
C ALA A 98 6.70 0.19 -2.38
N VAL A 99 7.58 0.73 -1.53
CA VAL A 99 7.93 2.14 -1.66
C VAL A 99 8.55 2.40 -3.02
N GLN A 100 9.33 1.45 -3.54
CA GLN A 100 9.92 1.62 -4.86
C GLN A 100 8.87 1.49 -5.95
N GLU A 101 7.94 0.55 -5.82
CA GLU A 101 6.88 0.42 -6.80
C GLU A 101 6.00 1.66 -6.82
N ILE A 102 5.68 2.20 -5.64
CA ILE A 102 4.84 3.41 -5.57
C ILE A 102 5.55 4.58 -6.23
N THR A 103 6.87 4.68 -6.04
CA THR A 103 7.62 5.78 -6.64
C THR A 103 7.61 5.69 -8.16
N GLU A 104 7.77 4.49 -8.71
CA GLU A 104 7.67 4.33 -10.16
C GLU A 104 6.29 4.73 -10.66
N TYR A 105 5.25 4.43 -9.89
CA TYR A 105 3.91 4.79 -10.31
C TYR A 105 3.67 6.29 -10.17
N ALA A 106 4.13 6.90 -9.07
CA ALA A 106 3.92 8.32 -8.86
C ALA A 106 4.59 9.15 -9.95
N LYS A 107 5.71 8.68 -10.46
CA LYS A 107 6.40 9.37 -11.54
C LYS A 107 5.73 9.19 -12.89
N SER A 108 4.75 8.29 -12.99
CA SER A 108 3.97 8.15 -14.22
C SER A 108 2.73 9.03 -14.24
N ILE A 109 2.39 9.67 -13.12
CA ILE A 109 1.26 10.59 -13.02
C ILE A 109 1.61 11.85 -13.79
N PRO A 110 0.86 12.21 -14.83
CA PRO A 110 1.19 13.40 -15.61
C PRO A 110 1.34 14.63 -14.74
N GLY A 111 2.49 15.30 -14.87
CA GLY A 111 2.80 16.50 -14.12
C GLY A 111 3.55 16.29 -12.82
N PHE A 112 3.77 15.03 -12.41
CA PHE A 112 4.45 14.80 -11.14
C PHE A 112 5.94 15.10 -11.25
N VAL A 113 6.60 14.56 -12.28
CA VAL A 113 8.04 14.73 -12.42
C VAL A 113 8.41 16.20 -12.61
N ASN A 114 7.46 17.06 -12.99
CA ASN A 114 7.70 18.48 -13.13
C ASN A 114 7.52 19.25 -11.83
N LEU A 115 7.04 18.61 -10.78
CA LEU A 115 6.98 19.25 -9.47
C LEU A 115 8.38 19.50 -8.94
N ASP A 116 8.48 20.38 -7.95
CA ASP A 116 9.74 20.58 -7.25
C ASP A 116 10.16 19.26 -6.63
N LEU A 117 11.41 18.85 -6.88
CA LEU A 117 11.86 17.53 -6.44
C LEU A 117 11.67 17.36 -4.94
N ASN A 118 11.83 18.43 -4.17
CA ASN A 118 11.64 18.32 -2.72
C ASN A 118 10.18 18.17 -2.36
N ASP A 119 9.27 18.67 -3.21
CA ASP A 119 7.85 18.41 -3.00
C ASP A 119 7.49 16.97 -3.35
N GLN A 120 8.12 16.41 -4.38
CA GLN A 120 7.94 14.99 -4.68
C GLN A 120 8.28 14.12 -3.46
N VAL A 121 9.43 14.39 -2.85
CA VAL A 121 9.86 13.64 -1.67
C VAL A 121 8.83 13.77 -0.55
N THR A 122 8.30 14.96 -0.35
CA THR A 122 7.32 15.17 0.71
C THR A 122 6.04 14.38 0.42
N LEU A 123 5.60 14.38 -0.83
CA LEU A 123 4.39 13.66 -1.20
C LEU A 123 4.59 12.16 -0.99
N LEU A 124 5.77 11.64 -1.31
CA LEU A 124 6.03 10.23 -1.09
C LEU A 124 6.26 9.93 0.38
N LYS A 125 6.88 10.85 1.12
CA LYS A 125 7.13 10.59 2.54
C LYS A 125 5.83 10.36 3.29
N TYR A 126 4.81 11.17 3.02
CA TYR A 126 3.54 11.11 3.73
C TYR A 126 2.48 10.31 2.98
N GLY A 127 2.84 9.64 1.89
CA GLY A 127 1.87 8.96 1.05
C GLY A 127 2.09 7.48 0.86
N VAL A 128 3.35 7.02 0.93
CA VAL A 128 3.64 5.61 0.65
C VAL A 128 2.82 4.72 1.57
N HIS A 129 2.82 5.00 2.87
CA HIS A 129 2.17 4.09 3.81
C HIS A 129 0.66 4.10 3.63
N GLU A 130 0.07 5.27 3.35
CA GLU A 130 -1.36 5.30 3.04
C GLU A 130 -1.68 4.38 1.87
N ILE A 131 -0.80 4.35 0.86
CA ILE A 131 -1.04 3.54 -0.33
C ILE A 131 -0.75 2.06 -0.06
N ILE A 132 0.23 1.75 0.78
CA ILE A 132 0.56 0.36 1.10
C ILE A 132 -0.63 -0.31 1.79
N TYR A 133 -1.24 0.40 2.76
CA TYR A 133 -2.43 -0.10 3.44
CA TYR A 133 -2.40 -0.17 3.42
C TYR A 133 -3.58 -0.29 2.46
N THR A 134 -3.82 0.72 1.62
CA THR A 134 -4.89 0.64 0.65
C THR A 134 -4.72 -0.60 -0.22
N MET A 135 -3.54 -0.76 -0.81
N MET A 135 -3.53 -0.77 -0.79
CA MET A 135 -3.31 -1.90 -1.70
CA MET A 135 -3.30 -1.90 -1.70
C MET A 135 -3.16 -3.20 -0.93
C MET A 135 -3.16 -3.20 -0.92
N LEU A 136 -2.73 -3.13 0.34
CA LEU A 136 -2.64 -4.34 1.15
C LEU A 136 -4.01 -4.99 1.31
N ALA A 137 -5.08 -4.19 1.34
CA ALA A 137 -6.42 -4.74 1.43
C ALA A 137 -6.73 -5.66 0.25
N SER A 138 -6.19 -5.35 -0.92
CA SER A 138 -6.44 -6.21 -2.08
C SER A 138 -5.91 -7.62 -1.87
N LEU A 139 -4.96 -7.81 -0.96
CA LEU A 139 -4.40 -9.12 -0.68
C LEU A 139 -5.02 -9.78 0.55
N MET A 140 -6.00 -9.13 1.18
CA MET A 140 -6.52 -9.55 2.48
C MET A 140 -7.97 -9.98 2.38
N ASN A 141 -8.32 -11.02 3.12
CA ASN A 141 -9.71 -11.29 3.48
C ASN A 141 -9.78 -11.28 5.01
N LYS A 142 -10.93 -11.67 5.55
CA LYS A 142 -11.09 -11.63 6.99
C LYS A 142 -10.22 -12.66 7.70
N ASP A 143 -9.60 -13.59 6.97
CA ASP A 143 -8.86 -14.69 7.56
C ASP A 143 -7.35 -14.58 7.44
N GLY A 144 -6.83 -13.76 6.53
CA GLY A 144 -5.40 -13.63 6.41
C GLY A 144 -5.03 -12.74 5.25
N VAL A 145 -3.76 -12.82 4.85
CA VAL A 145 -3.21 -11.97 3.80
C VAL A 145 -2.36 -12.82 2.87
N LEU A 146 -2.53 -12.60 1.57
CA LEU A 146 -1.65 -13.19 0.57
C LEU A 146 -0.25 -12.60 0.68
N ILE A 147 0.77 -13.44 0.70
CA ILE A 147 2.15 -13.01 0.85
C ILE A 147 3.00 -13.67 -0.23
N SER A 148 4.14 -13.04 -0.51
CA SER A 148 5.13 -13.55 -1.45
C SER A 148 4.53 -13.71 -2.85
N GLU A 149 4.01 -12.61 -3.36
CA GLU A 149 3.51 -12.56 -4.73
C GLU A 149 2.48 -13.65 -4.98
N GLY A 150 1.67 -13.93 -3.95
CA GLY A 150 0.64 -14.93 -4.05
C GLY A 150 1.05 -16.36 -3.73
N GLN A 151 2.30 -16.58 -3.32
CA GLN A 151 2.77 -17.93 -3.03
C GLN A 151 2.34 -18.43 -1.66
N GLY A 152 2.03 -17.52 -0.72
CA GLY A 152 1.68 -17.93 0.63
C GLY A 152 0.51 -17.13 1.16
N PHE A 153 -0.10 -17.68 2.22
CA PHE A 153 -1.24 -17.04 2.87
C PHE A 153 -1.00 -17.15 4.38
N MET A 154 -0.93 -16.00 5.05
CA MET A 154 -0.66 -15.95 6.47
C MET A 154 -1.98 -15.62 7.19
N THR A 155 -2.41 -16.52 8.07
CA THR A 155 -3.69 -16.31 8.74
C THR A 155 -3.62 -15.08 9.63
N ARG A 156 -4.69 -14.28 9.59
CA ARG A 156 -4.84 -13.19 10.54
C ARG A 156 -4.66 -13.68 11.97
N GLU A 157 -5.19 -14.87 12.28
CA GLU A 157 -5.10 -15.41 13.63
C GLU A 157 -3.64 -15.63 14.03
N PHE A 158 -2.82 -16.14 13.10
CA PHE A 158 -1.42 -16.39 13.42
C PHE A 158 -0.68 -15.09 13.75
N LEU A 159 -1.12 -13.98 13.16
CA LEU A 159 -0.45 -12.71 13.40
C LEU A 159 -0.82 -12.12 14.75
N LYS A 160 -2.03 -12.40 15.24
CA LYS A 160 -2.40 -11.96 16.58
C LYS A 160 -1.75 -12.83 17.65
N SER A 161 -1.51 -14.10 17.34
CA SER A 161 -0.88 -14.99 18.31
C SER A 161 0.52 -14.52 18.68
N LEU A 162 1.16 -13.70 17.84
CA LEU A 162 2.51 -13.24 18.13
C LEU A 162 2.55 -12.50 19.46
N ARG A 163 3.76 -12.25 19.94
CA ARG A 163 3.96 -11.57 21.22
C ARG A 163 3.19 -10.26 21.26
N LYS A 164 2.93 -9.77 22.47
CA LYS A 164 2.10 -8.57 22.61
C LYS A 164 2.67 -7.34 21.90
N PRO A 165 3.99 -7.16 21.73
CA PRO A 165 4.45 -5.96 21.01
C PRO A 165 4.10 -6.01 19.53
N PHE A 166 4.19 -7.18 18.91
CA PHE A 166 3.92 -7.35 17.48
C PHE A 166 2.57 -8.00 17.21
N GLY A 167 1.76 -8.26 18.24
CA GLY A 167 0.50 -8.95 18.04
C GLY A 167 -0.61 -8.06 17.54
N ASP A 168 -0.56 -6.78 17.87
CA ASP A 168 -1.56 -5.80 17.43
C ASP A 168 -0.96 -4.85 16.40
N PHE A 169 -0.06 -5.38 15.57
CA PHE A 169 0.63 -4.60 14.55
C PHE A 169 0.04 -4.78 13.17
N MET A 170 -0.58 -5.93 12.90
CA MET A 170 -1.24 -6.17 11.63
C MET A 170 -2.76 -6.12 11.72
N GLU A 171 -3.33 -6.39 12.89
CA GLU A 171 -4.78 -6.33 13.06
C GLU A 171 -5.36 -5.01 12.59
N PRO A 172 -4.74 -3.86 12.84
CA PRO A 172 -5.28 -2.61 12.28
C PRO A 172 -5.44 -2.65 10.78
N LYS A 173 -4.44 -3.17 10.05
CA LYS A 173 -4.55 -3.22 8.60
C LYS A 173 -5.62 -4.20 8.16
N PHE A 174 -5.92 -5.19 9.00
CA PHE A 174 -7.01 -6.12 8.69
C PHE A 174 -8.37 -5.45 8.86
N GLU A 175 -8.56 -4.72 9.97
CA GLU A 175 -9.84 -4.05 10.19
C GLU A 175 -10.17 -3.12 9.03
N PHE A 176 -9.21 -2.27 8.65
CA PHE A 176 -9.44 -1.36 7.52
C PHE A 176 -9.67 -2.13 6.23
N ALA A 177 -8.94 -3.23 6.04
CA ALA A 177 -9.03 -3.97 4.78
C ALA A 177 -10.42 -4.54 4.56
N VAL A 178 -11.00 -5.15 5.59
CA VAL A 178 -12.33 -5.75 5.42
C VAL A 178 -13.36 -4.67 5.12
N LYS A 179 -13.25 -3.51 5.77
CA LYS A 179 -14.18 -2.43 5.49
C LYS A 179 -13.93 -1.83 4.12
N PHE A 180 -12.68 -1.55 3.79
CA PHE A 180 -12.36 -1.00 2.48
C PHE A 180 -12.77 -1.96 1.37
N ASN A 181 -12.58 -3.26 1.60
CA ASN A 181 -12.93 -4.25 0.58
C ASN A 181 -14.43 -4.36 0.37
N ALA A 182 -15.24 -3.87 1.31
CA ALA A 182 -16.67 -3.87 1.10
C ALA A 182 -17.09 -2.97 -0.06
N LEU A 183 -16.27 -1.96 -0.39
CA LEU A 183 -16.59 -1.07 -1.49
C LEU A 183 -16.48 -1.74 -2.86
N GLU A 184 -15.76 -2.85 -2.96
CA GLU A 184 -15.71 -3.65 -4.18
C GLU A 184 -15.07 -2.88 -5.33
N LEU A 185 -13.96 -2.20 -5.05
CA LEU A 185 -13.23 -1.50 -6.09
C LEU A 185 -12.41 -2.49 -6.91
N ASP A 186 -12.11 -2.09 -8.15
CA ASP A 186 -11.25 -2.90 -8.99
C ASP A 186 -9.94 -2.16 -9.24
N ASP A 187 -9.11 -2.73 -10.12
CA ASP A 187 -7.80 -2.14 -10.39
C ASP A 187 -7.92 -0.77 -11.03
N SER A 188 -9.02 -0.52 -11.74
CA SER A 188 -9.21 0.79 -12.37
C SER A 188 -9.52 1.85 -11.33
N ASP A 189 -10.41 1.54 -10.39
CA ASP A 189 -10.73 2.51 -9.34
C ASP A 189 -9.51 2.78 -8.47
N LEU A 190 -8.76 1.74 -8.12
CA LEU A 190 -7.62 1.88 -7.22
C LEU A 190 -6.50 2.70 -7.85
N ALA A 191 -6.29 2.53 -9.16
CA ALA A 191 -5.24 3.28 -9.84
C ALA A 191 -5.46 4.78 -9.68
N ILE A 192 -6.67 5.25 -9.93
CA ILE A 192 -6.97 6.67 -9.76
C ILE A 192 -6.95 7.05 -8.28
N PHE A 193 -7.56 6.22 -7.43
CA PHE A 193 -7.61 6.52 -6.00
C PHE A 193 -6.21 6.72 -5.43
N ILE A 194 -5.26 5.84 -5.81
CA ILE A 194 -3.88 5.97 -5.32
C ILE A 194 -3.26 7.27 -5.83
N ALA A 195 -3.53 7.61 -7.09
CA ALA A 195 -2.98 8.85 -7.65
C ALA A 195 -3.49 10.07 -6.89
N VAL A 196 -4.76 10.04 -6.47
CA VAL A 196 -5.31 11.18 -5.73
C VAL A 196 -4.60 11.31 -4.39
N ILE A 197 -4.38 10.20 -3.68
CA ILE A 197 -3.68 10.26 -2.39
C ILE A 197 -2.30 10.88 -2.56
N ILE A 198 -1.53 10.37 -3.52
CA ILE A 198 -0.16 10.85 -3.71
C ILE A 198 -0.16 12.36 -3.95
N LEU A 199 -1.07 12.85 -4.81
CA LEU A 199 -1.15 14.27 -5.17
C LEU A 199 -1.92 15.10 -4.14
N SER A 200 -1.70 14.84 -2.85
CA SER A 200 -2.33 15.60 -1.80
C SER A 200 -1.60 16.93 -1.64
N GLY A 201 -2.32 18.03 -1.80
CA GLY A 201 -1.73 19.33 -1.66
C GLY A 201 -1.64 19.83 -0.24
N ASP A 202 -1.89 18.98 0.75
CA ASP A 202 -1.85 19.37 2.16
C ASP A 202 -0.83 18.56 2.95
N ARG A 203 0.20 18.06 2.27
CA ARG A 203 1.27 17.35 2.97
C ARG A 203 2.19 18.35 3.65
N PRO A 204 2.53 18.16 4.93
CA PRO A 204 3.37 19.15 5.61
C PRO A 204 4.71 19.34 4.90
N GLY A 205 5.11 20.60 4.73
CA GLY A 205 6.41 20.94 4.20
C GLY A 205 6.44 21.22 2.71
N LEU A 206 5.34 20.98 2.01
CA LEU A 206 5.29 21.27 0.59
C LEU A 206 5.57 22.76 0.35
N LEU A 207 6.32 23.06 -0.71
CA LEU A 207 6.71 24.42 -1.01
C LEU A 207 5.80 25.07 -2.03
N ASN A 208 5.18 24.29 -2.91
CA ASN A 208 4.31 24.81 -3.97
C ASN A 208 3.03 23.97 -3.93
N VAL A 209 2.06 24.43 -3.15
CA VAL A 209 0.83 23.66 -2.97
C VAL A 209 -0.07 23.76 -4.19
N LYS A 210 -0.21 24.94 -4.77
CA LYS A 210 -1.17 25.13 -5.85
C LYS A 210 -0.95 24.18 -7.02
N PRO A 211 0.27 23.97 -7.52
CA PRO A 211 0.42 23.02 -8.63
C PRO A 211 0.03 21.60 -8.26
N ILE A 212 0.13 21.23 -6.98
CA ILE A 212 -0.28 19.90 -6.56
C ILE A 212 -1.80 19.82 -6.47
N GLU A 213 -2.43 20.89 -6.00
CA GLU A 213 -3.90 20.90 -5.90
C GLU A 213 -4.55 20.92 -7.28
N ASP A 214 -3.92 21.56 -8.27
CA ASP A 214 -4.48 21.55 -9.61
C ASP A 214 -4.47 20.14 -10.19
N ILE A 215 -3.41 19.37 -9.94
CA ILE A 215 -3.35 17.99 -10.44
C ILE A 215 -4.39 17.13 -9.73
N GLN A 216 -4.46 17.23 -8.41
CA GLN A 216 -5.42 16.40 -7.67
C GLN A 216 -6.86 16.69 -8.12
N ASP A 217 -7.20 17.95 -8.36
CA ASP A 217 -8.55 18.27 -8.82
C ASP A 217 -8.87 17.54 -10.11
N ASN A 218 -7.93 17.54 -11.07
CA ASN A 218 -8.15 16.79 -12.30
C ASN A 218 -8.20 15.29 -12.06
N LEU A 219 -7.44 14.78 -11.08
CA LEU A 219 -7.52 13.37 -10.71
C LEU A 219 -8.84 13.05 -10.02
N LEU A 220 -9.27 13.91 -9.09
CA LEU A 220 -10.54 13.68 -8.41
C LEU A 220 -11.70 13.63 -9.40
N GLN A 221 -11.63 14.43 -10.47
CA GLN A 221 -12.72 14.41 -11.44
C GLN A 221 -12.69 13.10 -12.22
N ALA A 222 -11.51 12.62 -12.61
CA ALA A 222 -11.43 11.32 -13.27
C ALA A 222 -11.91 10.22 -12.36
N LEU A 223 -11.61 10.33 -11.06
CA LEU A 223 -12.09 9.34 -10.10
C LEU A 223 -13.61 9.37 -9.99
N GLU A 224 -14.19 10.57 -9.83
CA GLU A 224 -15.63 10.67 -9.73
C GLU A 224 -16.31 10.10 -10.98
N LEU A 225 -15.82 10.46 -12.17
CA LEU A 225 -16.38 9.90 -13.39
C LEU A 225 -16.14 8.40 -13.46
N GLN A 226 -14.93 7.95 -13.11
CA GLN A 226 -14.65 6.51 -13.07
C GLN A 226 -15.66 5.76 -12.22
N LEU A 227 -15.95 6.27 -11.02
CA LEU A 227 -16.83 5.55 -10.11
C LEU A 227 -18.26 5.54 -10.62
N LYS A 228 -18.73 6.64 -11.22
CA LYS A 228 -20.09 6.68 -11.75
C LYS A 228 -20.27 5.68 -12.89
N LEU A 229 -19.29 5.60 -13.80
CA LEU A 229 -19.43 4.68 -14.92
C LEU A 229 -19.16 3.24 -14.53
N ASN A 230 -18.25 3.01 -13.58
CA ASN A 230 -17.88 1.66 -13.20
C ASN A 230 -18.76 1.07 -12.10
N HIS A 231 -19.31 1.92 -11.24
CA HIS A 231 -20.20 1.49 -10.16
C HIS A 231 -21.50 2.31 -10.24
N PRO A 232 -22.21 2.22 -11.36
CA PRO A 232 -23.39 3.08 -11.55
C PRO A 232 -24.49 2.87 -10.53
N GLU A 233 -24.54 1.71 -9.87
CA GLU A 233 -25.57 1.47 -8.87
C GLU A 233 -25.12 1.81 -7.45
N SER A 234 -23.81 1.96 -7.23
CA SER A 234 -23.28 2.24 -5.90
C SER A 234 -23.20 3.75 -5.73
N SER A 235 -24.34 4.35 -5.40
CA SER A 235 -24.38 5.78 -5.11
C SER A 235 -23.50 6.09 -3.91
N GLN A 236 -22.85 7.25 -3.96
CA GLN A 236 -22.02 7.76 -2.87
C GLN A 236 -20.73 6.96 -2.68
N LEU A 237 -20.28 6.23 -3.72
CA LEU A 237 -18.99 5.57 -3.65
C LEU A 237 -17.84 6.57 -3.66
N PHE A 238 -18.09 7.80 -4.10
CA PHE A 238 -17.07 8.83 -4.11
C PHE A 238 -16.90 9.43 -2.73
N ALA A 239 -17.99 9.88 -2.11
CA ALA A 239 -17.90 10.43 -0.76
C ALA A 239 -17.40 9.41 0.24
N LYS A 240 -17.59 8.12 -0.04
CA LYS A 240 -17.06 7.09 0.85
C LYS A 240 -15.54 6.99 0.72
N LEU A 241 -15.02 7.07 -0.50
CA LEU A 241 -13.57 7.00 -0.68
C LEU A 241 -12.87 8.24 -0.15
N LEU A 242 -13.54 9.40 -0.21
CA LEU A 242 -12.96 10.61 0.37
C LEU A 242 -12.82 10.49 1.87
N GLN A 243 -13.75 9.80 2.53
CA GLN A 243 -13.61 9.54 3.96
C GLN A 243 -12.49 8.54 4.22
N LYS A 244 -12.40 7.48 3.40
CA LYS A 244 -11.33 6.51 3.58
C LYS A 244 -9.97 7.19 3.52
N MET A 245 -9.82 8.18 2.64
CA MET A 245 -8.57 8.93 2.60
C MET A 245 -8.26 9.55 3.95
N THR A 246 -9.28 10.09 4.62
CA THR A 246 -9.05 10.68 5.94
C THR A 246 -8.74 9.61 6.97
N ASP A 247 -9.45 8.48 6.91
CA ASP A 247 -9.15 7.38 7.83
C ASP A 247 -7.70 6.95 7.67
N LEU A 248 -7.27 6.72 6.44
CA LEU A 248 -5.91 6.24 6.21
C LEU A 248 -4.86 7.08 6.92
N ARG A 249 -5.15 8.35 7.17
CA ARG A 249 -4.19 9.20 7.87
C ARG A 249 -4.09 8.81 9.34
N GLN A 250 -5.23 8.70 10.01
CA GLN A 250 -5.20 8.30 11.41
C GLN A 250 -4.69 6.88 11.58
N ILE A 251 -4.93 6.02 10.59
CA ILE A 251 -4.44 4.65 10.66
C ILE A 251 -2.92 4.63 10.60
N VAL A 252 -2.34 5.40 9.67
CA VAL A 252 -0.89 5.50 9.62
C VAL A 252 -0.37 6.16 10.88
N THR A 253 -1.08 7.16 11.39
CA THR A 253 -0.66 7.81 12.62
C THR A 253 -0.52 6.79 13.75
N GLU A 254 -1.59 6.03 14.02
CA GLU A 254 -1.51 4.99 15.03
C GLU A 254 -0.41 3.98 14.71
N HIS A 255 -0.13 3.76 13.41
CA HIS A 255 0.91 2.81 13.03
C HIS A 255 2.29 3.33 13.42
N VAL A 256 2.58 4.60 13.09
CA VAL A 256 3.85 5.18 13.47
C VAL A 256 4.01 5.21 14.99
N GLN A 257 2.91 5.42 15.71
CA GLN A 257 2.96 5.39 17.16
C GLN A 257 3.46 4.03 17.65
N LEU A 258 2.87 2.96 17.12
CA LEU A 258 3.29 1.62 17.53
C LEU A 258 4.78 1.39 17.24
N LEU A 259 5.25 1.86 16.09
CA LEU A 259 6.65 1.66 15.74
C LEU A 259 7.57 2.25 16.81
N GLN A 260 7.25 3.44 17.30
CA GLN A 260 8.10 4.06 18.32
C GLN A 260 8.03 3.29 19.63
N VAL A 261 6.91 2.64 19.91
CA VAL A 261 6.84 1.74 21.07
C VAL A 261 7.88 0.63 20.92
N ILE A 262 7.90 0.00 19.74
CA ILE A 262 8.87 -1.07 19.49
C ILE A 262 10.29 -0.52 19.57
N LYS A 263 10.58 0.53 18.81
CA LYS A 263 11.94 1.09 18.82
C LYS A 263 12.40 1.43 20.23
N LYS A 264 11.46 1.76 21.13
CA LYS A 264 11.80 2.11 22.50
C LYS A 264 11.76 0.92 23.44
N THR A 265 10.81 0.00 23.24
CA THR A 265 10.64 -1.13 24.14
C THR A 265 11.37 -2.39 23.67
N GLU A 266 11.98 -2.37 22.49
CA GLU A 266 12.63 -3.54 21.93
C GLU A 266 14.08 -3.22 21.59
N THR A 267 14.96 -4.18 21.85
CA THR A 267 16.35 -4.11 21.44
C THR A 267 16.57 -5.02 20.23
N ASP A 268 17.74 -4.88 19.62
CA ASP A 268 18.09 -5.67 18.43
C ASP A 268 17.14 -5.36 17.28
N MET A 269 16.77 -4.08 17.15
CA MET A 269 15.79 -3.63 16.17
C MET A 269 16.53 -3.02 14.98
N SER A 270 16.75 -3.82 13.95
CA SER A 270 17.35 -3.36 12.71
C SER A 270 16.24 -2.86 11.79
N LEU A 271 16.39 -1.62 11.31
CA LEU A 271 15.40 -0.99 10.45
C LEU A 271 16.06 -0.59 9.14
N HIS A 272 15.39 -0.89 8.03
CA HIS A 272 15.93 -0.58 6.72
C HIS A 272 16.03 0.93 6.55
N PRO A 273 17.16 1.46 6.04
CA PRO A 273 17.33 2.92 5.97
C PRO A 273 16.22 3.65 5.24
N LEU A 274 15.67 3.08 4.17
CA LEU A 274 14.60 3.76 3.44
C LEU A 274 13.41 4.03 4.35
N LEU A 275 13.11 3.11 5.26
CA LEU A 275 12.01 3.33 6.19
C LEU A 275 12.41 4.27 7.33
N GLN A 276 13.68 4.28 7.72
CA GLN A 276 14.15 5.27 8.69
C GLN A 276 13.93 6.69 8.15
N GLU A 277 14.22 6.91 6.87
CA GLU A 277 14.03 8.23 6.28
C GLU A 277 12.56 8.59 6.17
N ILE A 278 11.73 7.66 5.72
CA ILE A 278 10.30 7.93 5.62
C ILE A 278 9.70 8.18 6.99
N TYR A 279 10.11 7.38 7.98
CA TYR A 279 9.54 7.49 9.31
C TYR A 279 10.05 8.71 10.08
N LYS A 280 11.19 9.27 9.67
CA LYS A 280 11.74 10.42 10.39
C LYS A 280 10.69 11.52 10.55
N ASP A 281 9.83 11.71 9.55
CA ASP A 281 8.74 12.67 9.62
C ASP A 281 9.26 14.05 10.01
N PRO B 6 20.83 14.06 2.74
CA PRO B 6 20.85 12.66 2.30
C PRO B 6 19.44 12.09 2.14
N SER B 7 19.00 11.91 0.89
CA SER B 7 17.66 11.45 0.59
C SER B 7 17.74 10.22 -0.31
N LEU B 8 17.33 9.06 0.22
CA LEU B 8 17.15 7.89 -0.63
C LEU B 8 15.94 8.07 -1.54
N LEU B 9 14.85 8.63 -1.01
CA LEU B 9 13.68 8.87 -1.83
C LEU B 9 14.01 9.73 -3.04
N LYS B 10 14.92 10.69 -2.86
CA LYS B 10 15.28 11.56 -3.98
C LYS B 10 16.04 10.78 -5.04
N LYS B 11 16.97 9.91 -4.63
CA LYS B 11 17.67 9.08 -5.61
C LYS B 11 16.70 8.17 -6.35
N LEU B 12 15.68 7.65 -5.65
CA LEU B 12 14.66 6.88 -6.33
C LEU B 12 13.89 7.74 -7.33
N LEU B 13 13.55 8.98 -6.93
CA LEU B 13 12.79 9.85 -7.82
C LEU B 13 13.58 10.21 -9.07
N LEU B 14 14.90 10.28 -8.99
CA LEU B 14 15.71 10.71 -10.11
C LEU B 14 16.05 9.60 -11.09
N ALA B 15 15.86 8.35 -10.71
CA ALA B 15 16.17 7.27 -11.62
C ALA B 15 15.10 7.15 -12.69
N PRO B 16 15.45 6.64 -13.89
CA PRO B 16 14.44 6.47 -14.93
C PRO B 16 13.89 5.05 -14.98
CAA H3W C . 1.97 -8.88 1.79
CAB H3W C . 1.64 -9.07 4.68
CAE H3W C . 3.53 -5.25 5.69
CAF H3W C . 3.41 -4.98 3.31
CAG H3W C . 6.22 -10.54 5.21
CAH H3W C . 4.73 -10.48 7.08
CAI H3W C . 3.39 -6.61 5.54
CAJ H3W C . 3.27 -6.35 3.18
CAK H3W C . 5.30 -9.83 4.46
CAL H3W C . 3.82 -9.77 6.33
CAM H3W C . 3.17 -9.16 2.66
CAN H3W C . 3.54 -4.42 4.58
CAO H3W C . 5.94 -10.87 6.51
CAP H3W C . 3.24 -7.19 4.28
CAQ H3W C . 4.08 -9.44 5.00
CAR H3W C . 3.03 -8.70 4.14
OAC H3W C . 3.67 -3.07 4.73
OAD H3W C . 6.84 -11.60 7.25
H1 H3W C . 2.23 -8.85 0.73
H2 H3W C . 1.52 -7.91 2.03
H3 H3W C . 1.20 -9.64 1.91
H4 H3W C . 1.47 -10.14 4.65
H5 H3W C . 0.86 -8.60 4.09
H6 H3W C . 1.51 -8.74 5.71
H7 H3W C . 3.64 -4.83 6.70
H8 H3W C . 3.43 -4.33 2.43
H9 H3W C . 7.17 -10.84 4.77
H10 H3W C . 4.49 -10.72 8.12
H11 H3W C . 3.39 -7.24 6.43
H12 H3W C . 3.18 -6.76 2.17
H13 H3W C . 5.56 -9.59 3.43
H14 H3W C . 2.88 -9.46 6.78
H15 H3W C . 4.05 -8.68 2.22
H16 H3W C . 3.39 -10.23 2.63
H17 H3W C . 3.73 -2.87 5.69
H18 H3W C . 7.62 -11.79 6.68
#